data_7ZVC
#
_entry.id   7ZVC
#
_cell.length_a   58.86
_cell.length_b   40.63
_cell.length_c   64.63
_cell.angle_alpha   90
_cell.angle_beta   107.98
_cell.angle_gamma   90
#
_symmetry.space_group_name_H-M   'P 1 21 1'
#
loop_
_entity.id
_entity.type
_entity.pdbx_description
1 polymer 'C-terminal peptidase'
2 polymer GLY-GLY-GLY-GLY
3 branched beta-D-mannopyranose-(1-4)-2-acetamido-2-deoxy-beta-D-glucopyranose-(1-4)-2-acetamido-2-deoxy-beta-D-glucopyranose
4 non-polymer 2-acetamido-2-deoxy-beta-D-glucopyranose
5 non-polymer 'SULFATE ION'
6 non-polymer 'NICKEL (II) ION'
7 non-polymer GLYCINE
8 water water
#
loop_
_entity_poly.entity_id
_entity_poly.type
_entity_poly.pdbx_seq_one_letter_code
_entity_poly.pdbx_strand_id
1 'polypeptide(L)'
;SANTNHQYAVIAYFYGNASLQGANATINIWEPNLKNPNGDFSLTQIWISAGSGSSLNTIEAGWQVYPGRTGDSQPRFFIY
WTADGYTSTGCYDLTCPGFVQTNNYYAIGMALQPSVYGGQQYELNESIQRDPATGNWWLYLWGTVVGYWPASIYNSITNG
ADTVEWGGEIYDSSGTGGFHTTTQMGSGHFPTEGYGKASYVRDLQCVDTYGNVISPTANSFQGIAPAPNCYNYQFQQGSS
ELYLFYGGPGCQAIAHHHHHH
;
A
2 'polypeptide(L)' GGGG C
#
loop_
_chem_comp.id
_chem_comp.type
_chem_comp.name
_chem_comp.formula
BMA D-saccharide, beta linking beta-D-mannopyranose 'C6 H12 O6'
NAG D-saccharide, beta linking 2-acetamido-2-deoxy-beta-D-glucopyranose 'C8 H15 N O6'
NI non-polymer 'NICKEL (II) ION' 'Ni 2'
SO4 non-polymer 'SULFATE ION' 'O4 S -2'
#
# COMPACT_ATOMS: atom_id res chain seq x y z
N THR A 4 14.37 4.62 10.88
CA THR A 4 14.50 4.11 9.51
C THR A 4 14.34 5.27 8.47
N ASN A 5 14.69 4.98 7.24
CA ASN A 5 14.58 5.90 6.16
C ASN A 5 13.27 5.72 5.38
N HIS A 6 12.23 5.15 6.00
CA HIS A 6 10.91 5.01 5.34
C HIS A 6 9.95 6.03 5.95
N GLN A 7 9.13 6.71 5.11
CA GLN A 7 8.09 7.58 5.65
C GLN A 7 6.72 7.10 5.16
N TYR A 8 5.67 7.44 5.89
CA TYR A 8 4.33 6.94 5.57
C TYR A 8 3.22 7.98 5.72
N ALA A 9 2.09 7.72 5.03
CA ALA A 9 0.79 8.35 5.23
C ALA A 9 -0.19 7.21 5.06
N VAL A 10 -0.44 6.47 6.14
CA VAL A 10 -1.21 5.22 6.09
C VAL A 10 -2.30 5.19 7.16
N ILE A 11 -3.35 4.40 6.92
CA ILE A 11 -4.37 4.14 7.90
C ILE A 11 -4.41 2.62 8.16
N ALA A 12 -4.75 2.22 9.40
CA ALA A 12 -4.78 0.81 9.81
C ALA A 12 -6.10 0.48 10.46
N TYR A 13 -6.65 -0.66 10.10
CA TYR A 13 -7.87 -1.15 10.68
C TYR A 13 -7.46 -2.36 11.50
N PHE A 14 -7.60 -2.31 12.83
CA PHE A 14 -7.21 -3.43 13.67
C PHE A 14 -8.43 -4.21 14.13
N TYR A 15 -8.47 -5.49 13.79
CA TYR A 15 -9.55 -6.36 14.23
C TYR A 15 -9.08 -7.07 15.51
N GLY A 16 -10.02 -7.54 16.30
CA GLY A 16 -9.70 -8.20 17.57
C GLY A 16 -9.07 -9.57 17.43
N ASN A 17 -9.25 -10.22 16.27
CA ASN A 17 -8.66 -11.53 16.04
C ASN A 17 -8.33 -11.70 14.52
N ALA A 18 -7.73 -12.83 14.14
CA ALA A 18 -7.34 -13.05 12.75
C ALA A 18 -8.45 -13.74 11.96
N SER A 19 -9.60 -13.06 11.83
CA SER A 19 -10.73 -13.68 11.13
C SER A 19 -11.20 -12.89 9.90
N LEU A 20 -10.55 -11.76 9.56
CA LEU A 20 -10.93 -11.02 8.34
C LEU A 20 -10.66 -11.92 7.11
N GLN A 21 -11.58 -11.98 6.15
CA GLN A 21 -11.48 -12.92 5.05
C GLN A 21 -11.09 -12.28 3.70
N GLY A 22 -10.73 -11.01 3.74
CA GLY A 22 -10.36 -10.30 2.55
C GLY A 22 -10.42 -8.82 2.79
N ALA A 23 -9.95 -8.08 1.78
CA ALA A 23 -10.02 -6.63 1.76
C ALA A 23 -9.90 -6.13 0.31
N ASN A 24 -10.40 -4.92 0.09
CA ASN A 24 -10.25 -4.26 -1.18
C ASN A 24 -9.44 -2.97 -1.03
N ALA A 25 -8.98 -2.45 -2.18
CA ALA A 25 -8.35 -1.14 -2.26
C ALA A 25 -8.48 -0.64 -3.67
N THR A 26 -8.98 0.58 -3.85
CA THR A 26 -9.02 1.16 -5.18
C THR A 26 -8.10 2.35 -5.08
N ILE A 27 -6.93 2.28 -5.71
CA ILE A 27 -5.85 3.24 -5.51
C ILE A 27 -5.66 4.16 -6.69
N ASN A 28 -5.78 5.49 -6.44
CA ASN A 28 -5.52 6.51 -7.46
C ASN A 28 -4.02 6.35 -7.94
N ILE A 29 -3.79 6.29 -9.26
CA ILE A 29 -2.45 6.11 -9.82
C ILE A 29 -1.79 7.41 -10.19
N TRP A 30 -0.54 7.58 -9.76
CA TRP A 30 0.26 8.72 -10.09
C TRP A 30 1.66 8.29 -10.41
N GLU A 31 2.46 9.22 -10.95
CA GLU A 31 3.87 9.01 -11.22
C GLU A 31 4.67 10.01 -10.33
N PRO A 32 4.79 9.77 -9.02
CA PRO A 32 5.56 10.69 -8.17
C PRO A 32 7.04 10.73 -8.58
N ASN A 33 7.68 11.90 -8.44
CA ASN A 33 9.10 12.09 -8.77
C ASN A 33 9.98 11.68 -7.59
N LEU A 34 11.16 11.12 -7.89
CA LEU A 34 12.11 10.73 -6.87
C LEU A 34 13.27 11.70 -6.88
N LYS A 35 13.67 12.21 -5.71
CA LYS A 35 14.85 13.09 -5.67
C LYS A 35 16.13 12.29 -5.90
N ASN A 36 16.19 11.08 -5.34
CA ASN A 36 17.39 10.27 -5.44
C ASN A 36 17.06 8.90 -6.05
N PRO A 37 16.93 8.83 -7.39
CA PRO A 37 16.51 7.56 -8.04
C PRO A 37 17.48 6.41 -7.94
N ASN A 38 18.74 6.62 -7.49
CA ASN A 38 19.66 5.48 -7.35
C ASN A 38 19.08 4.44 -6.36
N GLY A 39 18.47 4.95 -5.27
CA GLY A 39 17.94 4.02 -4.28
C GLY A 39 16.53 4.28 -3.82
N ASP A 40 15.95 5.44 -4.13
CA ASP A 40 14.61 5.77 -3.58
C ASP A 40 13.48 4.95 -4.19
N PHE A 41 12.34 4.95 -3.48
CA PHE A 41 11.11 4.48 -4.09
C PHE A 41 9.93 5.22 -3.48
N SER A 42 8.80 5.18 -4.16
CA SER A 42 7.55 5.77 -3.69
C SER A 42 6.43 4.81 -4.10
N LEU A 43 5.50 4.47 -3.20
CA LEU A 43 4.47 3.51 -3.56
C LEU A 43 3.17 3.84 -2.83
N THR A 44 2.08 3.18 -3.24
CA THR A 44 0.79 3.22 -2.55
C THR A 44 0.27 1.81 -2.59
N GLN A 45 -0.13 1.22 -1.44
CA GLN A 45 -0.55 -0.17 -1.45
C GLN A 45 -1.55 -0.50 -0.37
N ILE A 46 -1.95 -1.79 -0.32
CA ILE A 46 -2.65 -2.38 0.80
C ILE A 46 -1.65 -3.33 1.45
N TRP A 47 -1.78 -3.53 2.74
CA TRP A 47 -1.08 -4.54 3.51
C TRP A 47 -2.17 -5.33 4.27
N ILE A 48 -2.24 -6.62 4.08
CA ILE A 48 -3.17 -7.46 4.84
C ILE A 48 -2.27 -8.33 5.69
N SER A 49 -2.47 -8.38 7.02
CA SER A 49 -1.54 -9.10 7.86
C SER A 49 -2.18 -9.83 9.02
N ALA A 50 -1.43 -10.78 9.58
CA ALA A 50 -1.74 -11.53 10.77
C ALA A 50 -0.41 -11.77 11.52
N GLY A 51 -0.50 -11.83 12.84
CA GLY A 51 0.65 -12.03 13.72
C GLY A 51 1.44 -10.77 13.97
N SER A 52 2.61 -10.92 14.56
CA SER A 52 3.53 -9.83 14.83
C SER A 52 4.95 -10.36 14.99
N GLY A 53 5.91 -9.45 14.92
CA GLY A 53 7.33 -9.73 15.09
C GLY A 53 7.81 -10.72 14.06
N SER A 54 8.53 -11.74 14.50
CA SER A 54 9.02 -12.76 13.57
C SER A 54 7.89 -13.70 13.08
N SER A 55 6.66 -13.61 13.63
CA SER A 55 5.53 -14.41 13.12
C SER A 55 4.57 -13.53 12.28
N LEU A 56 4.96 -12.30 11.93
CA LEU A 56 4.16 -11.45 11.07
C LEU A 56 4.10 -12.04 9.66
N ASN A 57 2.88 -12.17 9.14
CA ASN A 57 2.63 -12.63 7.79
C ASN A 57 1.95 -11.49 7.07
N THR A 58 2.35 -11.20 5.84
CA THR A 58 1.70 -10.12 5.08
C THR A 58 1.38 -10.59 3.66
N ILE A 59 0.38 -9.94 3.10
CA ILE A 59 -0.10 -10.03 1.73
C ILE A 59 -0.06 -8.59 1.25
N GLU A 60 0.68 -8.29 0.19
CA GLU A 60 0.80 -6.89 -0.23
C GLU A 60 0.57 -6.68 -1.71
N ALA A 61 -0.09 -5.58 -2.11
CA ALA A 61 -0.30 -5.30 -3.54
C ALA A 61 -0.54 -3.82 -3.71
N GLY A 62 0.03 -3.24 -4.76
CA GLY A 62 -0.23 -1.82 -5.02
C GLY A 62 0.55 -1.33 -6.21
N TRP A 63 0.82 -0.02 -6.29
CA TRP A 63 1.72 0.46 -7.36
C TRP A 63 2.99 1.03 -6.72
N GLN A 64 4.09 0.98 -7.45
CA GLN A 64 5.37 1.52 -6.95
C GLN A 64 6.18 2.13 -8.08
N VAL A 65 6.87 3.24 -7.79
CA VAL A 65 7.88 3.86 -8.63
C VAL A 65 9.22 3.49 -7.97
N TYR A 66 9.97 2.56 -8.54
CA TYR A 66 11.22 2.10 -7.94
C TYR A 66 12.20 1.75 -9.06
N PRO A 67 12.83 2.77 -9.66
CA PRO A 67 13.77 2.51 -10.79
C PRO A 67 14.86 1.48 -10.51
N GLY A 68 15.36 1.46 -9.26
CA GLY A 68 16.39 0.49 -8.86
C GLY A 68 15.96 -0.96 -9.03
N ARG A 69 14.65 -1.21 -8.96
CA ARG A 69 14.13 -2.58 -9.08
C ARG A 69 13.48 -2.85 -10.47
N THR A 70 12.76 -1.84 -11.04
CA THR A 70 11.98 -2.04 -12.26
C THR A 70 12.69 -1.58 -13.55
N GLY A 71 13.72 -0.75 -13.41
CA GLY A 71 14.45 -0.23 -14.56
C GLY A 71 13.83 1.00 -15.19
N ASP A 72 12.81 1.62 -14.54
CA ASP A 72 12.28 2.89 -15.08
C ASP A 72 11.49 3.65 -13.99
N SER A 73 11.06 4.89 -14.31
CA SER A 73 10.37 5.74 -13.32
C SER A 73 8.83 5.67 -13.42
N GLN A 74 8.28 4.72 -14.19
CA GLN A 74 6.83 4.58 -14.27
C GLN A 74 6.24 3.89 -12.99
N PRO A 75 5.01 4.26 -12.61
CA PRO A 75 4.31 3.49 -11.56
C PRO A 75 3.96 2.12 -12.10
N ARG A 76 4.36 1.06 -11.36
CA ARG A 76 4.10 -0.29 -11.84
C ARG A 76 3.38 -1.11 -10.79
N PHE A 77 2.53 -2.04 -11.25
CA PHE A 77 1.81 -2.92 -10.33
C PHE A 77 2.79 -3.85 -9.68
N PHE A 78 2.70 -4.02 -8.34
CA PHE A 78 3.58 -4.94 -7.66
C PHE A 78 2.82 -5.72 -6.61
N ILE A 79 3.44 -6.82 -6.19
CA ILE A 79 2.97 -7.58 -5.05
C ILE A 79 4.21 -7.85 -4.17
N TYR A 80 3.94 -8.18 -2.91
CA TYR A 80 4.96 -8.56 -1.93
C TYR A 80 4.29 -9.44 -0.88
N TRP A 81 5.11 -10.14 -0.09
CA TRP A 81 4.61 -10.93 1.02
C TRP A 81 5.75 -11.25 1.93
N THR A 82 5.44 -11.61 3.16
CA THR A 82 6.43 -12.17 4.08
C THR A 82 5.71 -13.17 4.99
N ALA A 83 6.42 -14.20 5.43
CA ALA A 83 5.90 -15.15 6.41
C ALA A 83 6.70 -15.07 7.75
N ASP A 84 7.66 -14.14 7.88
CA ASP A 84 8.41 -14.05 9.13
C ASP A 84 8.85 -12.63 9.43
N GLY A 85 7.96 -11.67 9.21
CA GLY A 85 8.24 -10.28 9.52
C GLY A 85 9.44 -9.70 8.79
N TYR A 86 9.60 -10.10 7.52
CA TYR A 86 10.65 -9.64 6.62
C TYR A 86 12.06 -10.05 7.09
N THR A 87 12.19 -11.19 7.80
CA THR A 87 13.52 -11.59 8.28
C THR A 87 14.26 -12.43 7.23
N SER A 88 13.65 -13.53 6.76
CA SER A 88 14.30 -14.41 5.79
CA SER A 88 14.29 -14.44 5.81
C SER A 88 13.35 -14.88 4.69
N THR A 89 12.07 -14.45 4.69
CA THR A 89 11.14 -14.88 3.66
C THR A 89 10.47 -13.71 3.01
N GLY A 90 10.03 -13.92 1.78
CA GLY A 90 9.28 -12.90 1.06
C GLY A 90 10.04 -12.25 -0.04
N CYS A 91 9.33 -11.75 -1.04
CA CYS A 91 9.97 -11.09 -2.16
C CYS A 91 8.94 -10.30 -2.95
N TYR A 92 9.43 -9.48 -3.87
CA TYR A 92 8.59 -8.78 -4.80
C TYR A 92 8.17 -9.69 -5.93
N ASP A 93 6.92 -9.50 -6.38
CA ASP A 93 6.44 -10.05 -7.64
C ASP A 93 6.68 -11.59 -7.76
N LEU A 94 7.30 -12.08 -8.84
CA LEU A 94 7.55 -13.51 -9.01
C LEU A 94 9.06 -13.84 -8.95
N THR A 95 9.85 -13.01 -8.23
CA THR A 95 11.32 -13.16 -8.10
C THR A 95 11.72 -14.32 -7.16
N CYS A 96 10.77 -14.83 -6.36
CA CYS A 96 10.98 -16.02 -5.55
C CYS A 96 9.71 -16.87 -5.60
N PRO A 97 9.79 -18.18 -5.28
CA PRO A 97 8.56 -18.99 -5.15
C PRO A 97 7.70 -18.44 -4.01
N GLY A 98 6.41 -18.33 -4.24
CA GLY A 98 5.49 -17.78 -3.23
C GLY A 98 4.16 -17.56 -3.90
N PHE A 99 3.97 -16.37 -4.50
CA PHE A 99 2.75 -16.11 -5.26
C PHE A 99 2.63 -17.05 -6.49
N VAL A 100 1.42 -17.49 -6.77
CA VAL A 100 1.11 -18.33 -7.91
C VAL A 100 0.24 -17.57 -8.87
N GLN A 101 0.77 -17.24 -10.06
CA GLN A 101 -0.06 -16.54 -11.04
C GLN A 101 -0.81 -17.58 -11.88
N THR A 102 -2.15 -17.46 -11.98
CA THR A 102 -3.04 -18.36 -12.71
C THR A 102 -3.55 -17.77 -14.02
N ASN A 103 -3.59 -16.44 -14.13
CA ASN A 103 -4.09 -15.78 -15.32
C ASN A 103 -3.10 -14.69 -15.70
N ASN A 104 -2.56 -14.81 -16.92
CA ASN A 104 -1.57 -13.88 -17.43
C ASN A 104 -2.17 -12.72 -18.24
N TYR A 105 -3.48 -12.45 -18.09
CA TYR A 105 -4.13 -11.34 -18.77
C TYR A 105 -3.49 -10.02 -18.32
N TYR A 106 -3.26 -9.89 -16.99
CA TYR A 106 -2.52 -8.78 -16.37
C TYR A 106 -1.16 -9.28 -15.99
N ALA A 107 -0.13 -8.53 -16.33
CA ALA A 107 1.23 -8.92 -15.97
C ALA A 107 1.61 -8.35 -14.61
N ILE A 108 2.22 -9.18 -13.74
CA ILE A 108 2.81 -8.66 -12.49
C ILE A 108 3.99 -7.77 -12.90
N GLY A 109 3.99 -6.52 -12.44
CA GLY A 109 5.04 -5.59 -12.81
C GLY A 109 4.66 -4.65 -13.94
N MET A 110 3.41 -4.77 -14.49
CA MET A 110 2.98 -3.93 -15.61
C MET A 110 2.98 -2.43 -15.27
N ALA A 111 3.32 -1.62 -16.27
CA ALA A 111 3.28 -0.17 -16.14
C ALA A 111 1.82 0.26 -16.11
N LEU A 112 1.55 1.30 -15.30
CA LEU A 112 0.20 1.85 -15.16
C LEU A 112 0.16 3.28 -15.71
N GLN A 113 -0.99 3.68 -16.20
CA GLN A 113 -1.21 5.02 -16.73
C GLN A 113 -1.37 6.02 -15.56
N PRO A 114 -0.49 7.02 -15.44
CA PRO A 114 -0.61 7.97 -14.33
C PRO A 114 -1.68 9.03 -14.55
N SER A 115 -2.34 9.47 -13.46
CA SER A 115 -3.35 10.50 -13.53
C SER A 115 -2.71 11.85 -13.85
N VAL A 116 -3.53 12.82 -14.31
CA VAL A 116 -3.13 14.15 -14.71
C VAL A 116 -3.61 15.13 -13.63
N TYR A 117 -2.71 16.02 -13.17
CA TYR A 117 -3.05 17.00 -12.15
C TYR A 117 -4.17 17.91 -12.66
N GLY A 118 -5.32 17.90 -11.99
CA GLY A 118 -6.47 18.67 -12.44
C GLY A 118 -7.20 18.13 -13.66
N GLY A 119 -6.83 16.93 -14.10
CA GLY A 119 -7.44 16.29 -15.25
C GLY A 119 -7.77 14.82 -15.04
N GLN A 120 -7.65 14.05 -16.12
CA GLN A 120 -7.98 12.61 -16.17
C GLN A 120 -7.34 11.81 -15.03
N GLN A 121 -8.18 11.07 -14.28
CA GLN A 121 -7.75 10.24 -13.19
C GLN A 121 -7.80 8.77 -13.59
N TYR A 122 -6.88 7.97 -13.03
CA TYR A 122 -6.83 6.53 -13.24
C TYR A 122 -6.70 5.84 -11.91
N GLU A 123 -7.33 4.68 -11.79
CA GLU A 123 -7.35 3.88 -10.56
C GLU A 123 -6.92 2.46 -10.78
N LEU A 124 -6.31 1.87 -9.73
CA LEU A 124 -5.91 0.46 -9.65
C LEU A 124 -6.86 -0.24 -8.68
N ASN A 125 -7.82 -1.03 -9.17
CA ASN A 125 -8.76 -1.70 -8.27
C ASN A 125 -8.21 -3.06 -7.95
N GLU A 126 -7.98 -3.35 -6.68
CA GLU A 126 -7.53 -4.68 -6.28
C GLU A 126 -8.47 -5.25 -5.21
N SER A 127 -8.74 -6.54 -5.30
CA SER A 127 -9.63 -7.24 -4.35
C SER A 127 -8.91 -8.47 -3.94
N ILE A 128 -8.71 -8.66 -2.63
CA ILE A 128 -8.03 -9.87 -2.15
C ILE A 128 -9.03 -10.66 -1.32
N GLN A 129 -9.17 -11.99 -1.59
CA GLN A 129 -10.22 -12.81 -0.97
C GLN A 129 -9.68 -14.13 -0.56
N ARG A 130 -9.86 -14.50 0.70
CA ARG A 130 -9.43 -15.79 1.16
C ARG A 130 -10.44 -16.88 0.73
N ASP A 131 -9.94 -18.01 0.22
CA ASP A 131 -10.76 -19.16 -0.10
C ASP A 131 -10.82 -20.03 1.18
N PRO A 132 -12.01 -20.18 1.78
CA PRO A 132 -12.10 -20.93 3.04
C PRO A 132 -11.88 -22.45 2.89
N ALA A 133 -11.98 -22.97 1.64
CA ALA A 133 -11.70 -24.40 1.43
C ALA A 133 -10.17 -24.70 1.59
N THR A 134 -9.32 -23.72 1.32
CA THR A 134 -7.88 -23.94 1.36
C THR A 134 -7.06 -23.02 2.23
N GLY A 135 -7.56 -21.84 2.47
CA GLY A 135 -6.77 -20.79 3.11
C GLY A 135 -5.94 -19.98 2.11
N ASN A 136 -5.98 -20.31 0.81
CA ASN A 136 -5.27 -19.53 -0.20
C ASN A 136 -5.94 -18.14 -0.32
N TRP A 137 -5.15 -17.10 -0.57
CA TRP A 137 -5.64 -15.73 -0.73
C TRP A 137 -5.56 -15.32 -2.18
N TRP A 138 -6.69 -15.11 -2.83
CA TRP A 138 -6.74 -14.82 -4.24
C TRP A 138 -6.71 -13.32 -4.51
N LEU A 139 -6.00 -12.92 -5.56
CA LEU A 139 -5.90 -11.53 -6.02
C LEU A 139 -6.71 -11.32 -7.31
N TYR A 140 -7.55 -10.25 -7.33
CA TYR A 140 -8.28 -9.82 -8.51
C TYR A 140 -7.92 -8.38 -8.82
N LEU A 141 -7.68 -8.05 -10.08
CA LEU A 141 -7.43 -6.66 -10.50
C LEU A 141 -8.56 -6.24 -11.41
N TRP A 142 -9.27 -5.14 -11.09
CA TRP A 142 -10.43 -4.68 -11.90
C TRP A 142 -11.42 -5.86 -12.19
N GLY A 143 -11.59 -6.75 -11.21
CA GLY A 143 -12.48 -7.91 -11.27
C GLY A 143 -11.94 -9.17 -11.93
N THR A 144 -10.73 -9.12 -12.45
CA THR A 144 -10.14 -10.24 -13.18
C THR A 144 -9.12 -10.94 -12.30
N VAL A 145 -9.18 -12.25 -12.26
CA VAL A 145 -8.28 -13.04 -11.46
C VAL A 145 -6.84 -12.92 -11.98
N VAL A 146 -5.90 -12.94 -11.04
CA VAL A 146 -4.48 -12.86 -11.29
C VAL A 146 -3.84 -14.14 -10.76
N GLY A 147 -4.09 -14.45 -9.50
CA GLY A 147 -3.54 -15.63 -8.87
C GLY A 147 -3.70 -15.58 -7.37
N TYR A 148 -2.89 -16.33 -6.63
CA TYR A 148 -3.05 -16.39 -5.19
C TYR A 148 -1.72 -16.54 -4.44
N TRP A 149 -1.74 -16.13 -3.17
CA TRP A 149 -0.69 -16.44 -2.20
C TRP A 149 -1.17 -17.69 -1.50
N PRO A 150 -0.51 -18.84 -1.67
CA PRO A 150 -1.03 -20.06 -1.06
C PRO A 150 -0.85 -20.07 0.45
N ALA A 151 -1.77 -20.78 1.15
CA ALA A 151 -1.67 -20.95 2.61
C ALA A 151 -0.36 -21.66 2.98
N SER A 152 0.18 -22.54 2.06
CA SER A 152 1.37 -23.35 2.32
C SER A 152 2.62 -22.48 2.62
N ILE A 153 2.66 -21.19 2.24
CA ILE A 153 3.86 -20.37 2.56
C ILE A 153 3.74 -19.66 3.91
N TYR A 154 2.58 -19.74 4.57
CA TYR A 154 2.27 -18.98 5.77
C TYR A 154 2.04 -19.84 6.99
N ASN A 155 2.02 -19.21 8.18
CA ASN A 155 1.76 -19.90 9.42
C ASN A 155 0.71 -19.15 10.25
N SER A 156 0.66 -17.79 10.19
CA SER A 156 -0.24 -16.93 10.99
C SER A 156 -1.51 -16.46 10.28
N ILE A 157 -1.50 -16.31 8.93
CA ILE A 157 -2.61 -15.75 8.16
C ILE A 157 -3.44 -16.82 7.42
N THR A 158 -3.23 -18.13 7.71
CA THR A 158 -3.97 -19.19 7.01
C THR A 158 -5.50 -19.19 7.24
N ASN A 159 -5.97 -18.67 8.36
CA ASN A 159 -7.41 -18.69 8.70
C ASN A 159 -8.09 -17.32 8.54
N GLY A 160 -7.31 -16.29 8.26
CA GLY A 160 -7.80 -14.92 8.17
C GLY A 160 -6.76 -13.92 8.67
N ALA A 161 -7.04 -12.64 8.49
CA ALA A 161 -6.13 -11.57 8.86
C ALA A 161 -6.66 -10.80 10.05
N ASP A 162 -5.74 -10.22 10.86
CA ASP A 162 -6.19 -9.38 12.00
C ASP A 162 -6.05 -7.88 11.68
N THR A 163 -5.33 -7.52 10.62
CA THR A 163 -5.05 -6.11 10.36
C THR A 163 -5.04 -5.84 8.89
N VAL A 164 -5.57 -4.67 8.53
CA VAL A 164 -5.50 -4.22 7.13
C VAL A 164 -5.00 -2.78 7.15
N GLU A 165 -4.04 -2.43 6.28
CA GLU A 165 -3.54 -1.07 6.22
C GLU A 165 -3.54 -0.62 4.76
N TRP A 166 -3.72 0.68 4.58
CA TRP A 166 -3.77 1.26 3.26
C TRP A 166 -2.99 2.55 3.24
N GLY A 167 -2.35 2.89 2.11
CA GLY A 167 -1.73 4.22 2.01
C GLY A 167 -0.39 4.28 1.31
N GLY A 168 0.33 5.37 1.57
CA GLY A 168 1.57 5.59 0.87
C GLY A 168 2.81 5.36 1.69
N GLU A 169 3.91 5.11 0.99
CA GLU A 169 5.20 4.95 1.60
C GLU A 169 6.29 5.45 0.65
N ILE A 170 7.33 6.14 1.20
CA ILE A 170 8.50 6.46 0.41
C ILE A 170 9.69 5.83 1.13
N TYR A 171 10.73 5.54 0.35
CA TYR A 171 11.99 5.09 0.87
C TYR A 171 13.00 6.17 0.49
N ASP A 172 13.68 6.72 1.52
CA ASP A 172 14.62 7.82 1.32
C ASP A 172 16.05 7.30 1.41
N SER A 173 16.66 7.02 0.25
CA SER A 173 18.01 6.50 0.22
C SER A 173 19.08 7.57 0.57
N SER A 174 18.68 8.85 0.72
CA SER A 174 19.65 9.91 1.02
C SER A 174 19.97 10.03 2.54
N GLY A 175 19.25 9.32 3.39
CA GLY A 175 19.54 9.34 4.83
C GLY A 175 19.01 10.54 5.58
N THR A 176 17.89 11.12 5.11
CA THR A 176 17.26 12.21 5.87
C THR A 176 16.16 11.68 6.80
N GLY A 177 15.97 10.35 6.88
CA GLY A 177 14.89 9.75 7.63
C GLY A 177 13.56 9.96 6.92
N GLY A 178 13.58 10.44 5.65
CA GLY A 178 12.37 10.79 4.93
C GLY A 178 11.79 12.14 5.38
N PHE A 179 12.56 12.91 6.19
CA PHE A 179 12.10 14.17 6.73
C PHE A 179 12.45 15.37 5.90
N HIS A 180 13.52 15.30 5.06
CA HIS A 180 13.92 16.44 4.21
C HIS A 180 14.30 15.98 2.79
N THR A 181 13.38 15.23 2.13
CA THR A 181 13.60 14.82 0.75
C THR A 181 12.38 15.22 -0.07
N THR A 182 12.59 15.79 -1.24
CA THR A 182 11.48 16.16 -2.13
C THR A 182 11.00 14.97 -2.96
N THR A 183 11.33 13.71 -2.57
CA THR A 183 10.72 12.53 -3.13
C THR A 183 9.23 12.57 -2.78
N GLN A 184 8.36 12.50 -3.79
CA GLN A 184 6.94 12.69 -3.59
C GLN A 184 6.25 11.45 -3.17
N MET A 185 5.15 11.63 -2.45
CA MET A 185 4.27 10.53 -2.11
C MET A 185 2.89 10.82 -2.71
N GLY A 186 2.24 9.79 -3.27
CA GLY A 186 0.95 9.94 -3.94
C GLY A 186 1.16 10.75 -5.21
N SER A 187 0.47 11.89 -5.33
CA SER A 187 0.63 12.78 -6.48
C SER A 187 1.76 13.81 -6.32
N GLY A 188 2.33 13.90 -5.12
CA GLY A 188 3.26 14.96 -4.79
C GLY A 188 2.54 16.15 -4.19
N HIS A 189 1.19 16.08 -4.00
CA HIS A 189 0.44 17.19 -3.42
C HIS A 189 -0.24 16.79 -2.10
N PHE A 190 -0.33 17.73 -1.15
CA PHE A 190 -0.94 17.46 0.16
C PHE A 190 -2.43 17.06 0.00
N PRO A 191 -2.91 16.14 0.87
CA PRO A 191 -4.30 15.66 0.77
C PRO A 191 -5.38 16.73 0.68
N THR A 192 -5.20 17.88 1.34
CA THR A 192 -6.16 18.99 1.33
C THR A 192 -6.47 19.48 -0.09
N GLU A 193 -5.62 19.20 -1.09
CA GLU A 193 -5.89 19.60 -2.46
C GLU A 193 -7.10 18.83 -3.05
N GLY A 194 -7.40 17.65 -2.53
CA GLY A 194 -8.59 16.92 -2.94
C GLY A 194 -8.55 16.23 -4.28
N TYR A 195 -9.72 15.76 -4.71
CA TYR A 195 -9.92 14.97 -5.92
C TYR A 195 -9.28 15.59 -7.18
N GLY A 196 -8.50 14.82 -7.92
CA GLY A 196 -7.86 15.31 -9.13
C GLY A 196 -6.48 15.92 -8.90
N LYS A 197 -6.10 16.18 -7.63
CA LYS A 197 -4.84 16.87 -7.29
C LYS A 197 -4.04 16.12 -6.29
N ALA A 198 -4.71 15.62 -5.24
CA ALA A 198 -4.05 14.77 -4.27
C ALA A 198 -4.46 13.33 -4.58
N SER A 199 -3.58 12.38 -4.28
CA SER A 199 -3.92 10.97 -4.48
C SER A 199 -4.86 10.44 -3.39
N TYR A 200 -5.66 9.42 -3.74
CA TYR A 200 -6.58 8.81 -2.80
C TYR A 200 -6.57 7.28 -2.86
N VAL A 201 -7.11 6.67 -1.80
CA VAL A 201 -7.44 5.26 -1.75
C VAL A 201 -8.92 5.22 -1.38
N ARG A 202 -9.71 4.49 -2.17
CA ARG A 202 -11.13 4.33 -1.87
C ARG A 202 -11.44 2.83 -1.90
N ASP A 203 -12.72 2.44 -1.77
CA ASP A 203 -13.13 1.03 -1.64
C ASP A 203 -12.43 0.43 -0.40
N LEU A 204 -12.34 1.24 0.70
CA LEU A 204 -11.76 0.87 2.01
C LEU A 204 -12.68 -0.14 2.67
N GLN A 205 -12.60 -1.39 2.21
CA GLN A 205 -13.53 -2.41 2.66
C GLN A 205 -12.83 -3.70 3.09
N CYS A 206 -13.41 -4.38 4.08
CA CYS A 206 -12.88 -5.66 4.57
CA CYS A 206 -12.89 -5.67 4.55
C CYS A 206 -14.01 -6.69 4.53
N VAL A 207 -13.65 -7.99 4.63
CA VAL A 207 -14.63 -9.04 4.67
C VAL A 207 -14.59 -9.60 6.09
N ASP A 208 -15.75 -9.68 6.77
CA ASP A 208 -15.73 -10.17 8.16
C ASP A 208 -15.68 -11.71 8.18
N THR A 209 -15.65 -12.31 9.39
CA THR A 209 -15.60 -13.78 9.60
C THR A 209 -16.69 -14.53 8.85
N TYR A 210 -17.89 -13.94 8.83
CA TYR A 210 -19.07 -14.55 8.20
C TYR A 210 -19.13 -14.41 6.68
N GLY A 211 -18.22 -13.62 6.09
CA GLY A 211 -18.20 -13.41 4.66
C GLY A 211 -18.88 -12.13 4.21
N ASN A 212 -19.32 -11.26 5.15
CA ASN A 212 -19.97 -9.99 4.75
C ASN A 212 -18.96 -8.85 4.51
N VAL A 213 -19.22 -7.98 3.52
CA VAL A 213 -18.35 -6.84 3.25
C VAL A 213 -18.70 -5.73 4.22
N ILE A 214 -17.70 -5.16 4.92
CA ILE A 214 -17.86 -4.03 5.85
C ILE A 214 -17.01 -2.86 5.36
N SER A 215 -17.57 -1.68 5.33
CA SER A 215 -16.85 -0.44 5.06
C SER A 215 -16.71 0.28 6.41
N PRO A 216 -15.54 0.16 7.06
CA PRO A 216 -15.38 0.84 8.35
C PRO A 216 -15.59 2.35 8.26
N THR A 217 -16.14 2.95 9.34
CA THR A 217 -16.26 4.40 9.37
C THR A 217 -14.83 4.98 9.67
N ALA A 218 -14.64 6.27 9.38
CA ALA A 218 -13.36 7.00 9.50
C ALA A 218 -12.66 6.84 10.87
N ASN A 219 -13.44 6.86 11.94
CA ASN A 219 -13.04 6.70 13.34
C ASN A 219 -12.50 5.30 13.66
N SER A 220 -12.79 4.30 12.83
CA SER A 220 -12.33 2.93 13.09
C SER A 220 -10.86 2.70 12.61
N PHE A 221 -10.25 3.69 11.98
CA PHE A 221 -8.87 3.56 11.51
C PHE A 221 -7.93 4.34 12.36
N GLN A 222 -6.71 3.84 12.54
CA GLN A 222 -5.67 4.60 13.21
C GLN A 222 -4.76 5.13 12.08
N GLY A 223 -4.43 6.40 12.15
CA GLY A 223 -3.56 7.03 11.17
C GLY A 223 -2.12 7.09 11.60
N ILE A 224 -1.24 7.02 10.59
CA ILE A 224 0.20 7.05 10.77
C ILE A 224 0.74 8.09 9.75
N ALA A 225 1.37 9.14 10.23
CA ALA A 225 2.04 10.13 9.38
C ALA A 225 3.20 10.73 10.17
N PRO A 226 4.35 10.04 10.24
CA PRO A 226 5.43 10.50 11.13
C PRO A 226 6.21 11.73 10.64
N ALA A 227 6.03 12.15 9.37
CA ALA A 227 6.66 13.39 8.88
C ALA A 227 5.52 14.27 8.31
N PRO A 228 4.61 14.81 9.19
CA PRO A 228 3.38 15.45 8.69
C PRO A 228 3.57 16.76 7.94
N ASN A 229 4.73 17.42 8.08
CA ASN A 229 4.98 18.61 7.26
C ASN A 229 5.40 18.24 5.83
N CYS A 230 5.68 16.93 5.55
CA CYS A 230 6.18 16.41 4.28
C CYS A 230 5.12 15.56 3.55
N TYR A 231 4.49 14.60 4.27
CA TYR A 231 3.45 13.68 3.77
C TYR A 231 2.38 13.54 4.83
N ASN A 232 1.12 13.61 4.44
CA ASN A 232 0.04 13.53 5.44
C ASN A 232 -1.18 12.86 4.82
N TYR A 233 -2.26 12.70 5.59
CA TYR A 233 -3.47 12.06 5.08
C TYR A 233 -4.69 12.84 5.59
N GLN A 234 -5.78 12.71 4.87
CA GLN A 234 -7.04 13.33 5.27
C GLN A 234 -8.18 12.49 4.77
N PHE A 235 -9.12 12.13 5.66
CA PHE A 235 -10.33 11.43 5.23
C PHE A 235 -11.30 12.38 4.63
N GLN A 236 -11.89 12.03 3.48
CA GLN A 236 -12.95 12.85 2.90
C GLN A 236 -14.11 11.90 2.78
N GLN A 237 -15.19 12.17 3.51
CA GLN A 237 -16.33 11.29 3.47
C GLN A 237 -17.28 11.79 2.43
N GLY A 238 -17.43 11.01 1.38
CA GLY A 238 -18.45 11.28 0.39
C GLY A 238 -19.78 10.77 0.93
N SER A 239 -20.81 10.84 0.10
CA SER A 239 -22.13 10.32 0.47
C SER A 239 -22.31 8.84 0.05
N SER A 240 -21.31 8.23 -0.65
CA SER A 240 -21.41 6.82 -1.03
C SER A 240 -20.24 6.04 -0.39
N GLU A 241 -19.01 6.61 -0.39
CA GLU A 241 -17.91 5.90 0.24
C GLU A 241 -16.81 6.83 0.76
N LEU A 242 -16.07 6.33 1.76
CA LEU A 242 -15.02 7.05 2.47
C LEU A 242 -13.71 7.06 1.68
N TYR A 243 -13.07 8.25 1.61
CA TYR A 243 -11.82 8.43 0.88
C TYR A 243 -10.70 8.65 1.79
N LEU A 244 -9.56 8.04 1.47
CA LEU A 244 -8.35 8.37 2.18
C LEU A 244 -7.51 9.20 1.22
N PHE A 245 -7.47 10.54 1.36
CA PHE A 245 -6.53 11.35 0.56
C PHE A 245 -5.17 11.30 1.27
N TYR A 246 -4.07 11.10 0.56
CA TYR A 246 -2.75 10.91 1.23
C TYR A 246 -1.62 11.42 0.31
N GLY A 247 -0.46 11.65 0.91
CA GLY A 247 0.73 11.97 0.13
C GLY A 247 1.29 13.32 0.48
N GLY A 248 2.13 13.81 -0.43
CA GLY A 248 2.70 15.13 -0.26
C GLY A 248 3.94 15.34 -1.10
N PRO A 249 4.43 16.59 -1.09
CA PRO A 249 5.64 16.91 -1.89
C PRO A 249 6.97 16.55 -1.21
N GLY A 250 6.94 16.12 0.05
CA GLY A 250 8.15 15.94 0.83
C GLY A 250 8.63 17.29 1.35
N CYS A 251 9.69 17.31 2.17
CA CYS A 251 10.16 18.59 2.75
C CYS A 251 11.45 19.01 2.08
N GLN A 252 11.57 20.31 1.77
CA GLN A 252 12.81 20.86 1.26
C GLN A 252 13.77 20.93 2.41
N ALA A 253 15.06 20.74 2.16
CA ALA A 253 16.05 20.81 3.21
C ALA A 253 16.43 22.27 3.46
N ILE A 254 15.57 22.97 4.20
CA ILE A 254 15.78 24.39 4.43
C ILE A 254 16.03 24.70 5.91
N ALA A 255 16.37 23.68 6.76
CA ALA A 255 16.77 23.98 8.12
C ALA A 255 18.11 24.69 8.09
N HIS A 256 18.36 25.51 9.09
CA HIS A 256 19.57 26.34 9.11
C HIS A 256 19.99 26.63 10.54
N HIS A 257 19.76 25.69 11.46
CA HIS A 257 20.07 25.90 12.87
C HIS A 257 21.58 25.91 13.14
N HIS A 258 21.97 26.83 14.02
CA HIS A 258 23.30 27.01 14.58
C HIS A 258 23.13 27.35 16.09
N HIS A 259 24.12 27.03 16.93
CA HIS A 259 24.06 27.43 18.34
C HIS A 259 24.05 28.96 18.45
N HIS A 260 23.51 29.47 19.55
CA HIS A 260 23.44 30.89 19.78
C HIS A 260 24.29 31.28 20.92
N GLY B 1 1.17 -3.14 13.01
CA GLY B 1 0.65 -4.00 11.96
C GLY B 1 1.68 -4.43 10.95
N GLY B 2 1.35 -4.30 9.66
CA GLY B 2 2.23 -4.67 8.56
C GLY B 2 3.05 -3.59 7.89
N GLY B 3 2.47 -2.41 7.66
CA GLY B 3 3.19 -1.33 7.00
C GLY B 3 3.10 0.04 7.63
N GLY B 4 3.94 0.32 8.58
CA GLY B 4 3.96 1.59 9.30
C GLY B 4 5.21 1.60 10.16
C1 NAG C . -14.87 -5.72 -2.39
C2 NAG C . -14.90 -5.97 -3.90
C3 NAG C . -15.99 -7.00 -4.26
C4 NAG C . -15.91 -8.23 -3.36
C5 NAG C . -15.81 -7.83 -1.89
C6 NAG C . -15.65 -9.02 -0.95
C7 NAG C . -14.19 -4.09 -5.32
C8 NAG C . -14.66 -2.92 -6.13
N2 NAG C . -15.13 -4.72 -4.58
O3 NAG C . -15.80 -7.41 -5.61
O4 NAG C . -17.10 -9.02 -3.50
O5 NAG C . -14.68 -6.96 -1.72
O6 NAG C . -14.55 -9.85 -1.32
O7 NAG C . -13.00 -4.44 -5.31
C1 NAG C . -17.04 -10.24 -4.18
C2 NAG C . -18.29 -11.03 -3.80
C3 NAG C . -18.34 -12.33 -4.60
C4 NAG C . -18.27 -12.03 -6.09
C5 NAG C . -17.09 -11.13 -6.44
C6 NAG C . -17.18 -10.58 -7.85
C7 NAG C . -19.05 -10.71 -1.48
C8 NAG C . -18.87 -11.16 -0.06
N2 NAG C . -18.26 -11.33 -2.38
O3 NAG C . -19.58 -12.97 -4.32
O4 NAG C . -18.11 -13.26 -6.80
O5 NAG C . -17.07 -9.98 -5.57
O6 NAG C . -18.37 -9.80 -8.03
O7 NAG C . -19.81 -9.80 -1.79
C1 BMA C . -19.26 -13.78 -7.42
C2 BMA C . -18.83 -14.50 -8.71
C3 BMA C . -20.03 -15.15 -9.38
C4 BMA C . -20.80 -16.03 -8.39
C5 BMA C . -21.15 -15.22 -7.15
C6 BMA C . -21.87 -16.01 -6.08
O2 BMA C . -17.84 -15.47 -8.38
O3 BMA C . -19.65 -15.87 -10.54
O4 BMA C . -22.01 -16.49 -8.99
O5 BMA C . -19.94 -14.70 -6.56
O6 BMA C . -22.31 -15.13 -5.04
C1 NAG D . -13.14 -13.64 15.94
C2 NAG D . -13.80 -14.95 16.35
C3 NAG D . -15.20 -15.00 15.76
C4 NAG D . -16.02 -13.79 16.21
C5 NAG D . -15.26 -12.50 15.87
C6 NAG D . -15.92 -11.26 16.43
C7 NAG D . -12.84 -16.62 14.75
C8 NAG D . -12.03 -17.88 14.63
N2 NAG D . -13.04 -16.15 16.01
O3 NAG D . -15.87 -16.20 16.14
O4 NAG D . -17.28 -13.76 15.55
O5 NAG D . -13.93 -12.55 16.42
O6 NAG D . -15.62 -11.10 17.81
O7 NAG D . -13.32 -16.07 13.77
S SO4 E . 18.48 25.35 21.16
O1 SO4 E . 19.56 24.44 21.57
O2 SO4 E . 18.91 26.75 21.37
O3 SO4 E . 17.27 25.07 21.94
O4 SO4 E . 18.16 25.18 19.74
S SO4 F . 18.69 29.78 14.00
O1 SO4 F . 20.02 29.33 14.42
O2 SO4 F . 18.73 30.17 12.57
O3 SO4 F . 18.33 30.95 14.83
O4 SO4 F . 17.70 28.73 14.17
S SO4 G . 5.90 -2.88 -19.71
O1 SO4 G . 6.69 -3.71 -18.77
O2 SO4 G . 6.67 -1.66 -20.00
O3 SO4 G . 4.58 -2.61 -19.13
O4 SO4 G . 5.75 -3.61 -20.96
NI NI H . 20.74 25.07 18.96
N GLY I . -20.60 3.20 3.85
CA GLY I . -19.52 4.16 4.14
C GLY I . -19.24 4.28 5.66
O GLY I . -18.03 4.36 6.04
OXT GLY I . -20.24 4.30 6.44
#